data_3K5Z
#
_entry.id   3K5Z
#
_cell.length_a   97.048
_cell.length_b   97.048
_cell.length_c   101.703
_cell.angle_alpha   90.00
_cell.angle_beta   90.00
_cell.angle_gamma   120.00
#
_symmetry.space_group_name_H-M   'P 61'
#
loop_
_entity.id
_entity.type
_entity.pdbx_description
1 polymer 'Fem-3 mRNA-binding factor 2'
2 polymer "5'-R(*UP*GP*UP*AP*CP*CP*AP*UP*A)-3'"
3 water water
#
loop_
_entity_poly.entity_id
_entity_poly.type
_entity_poly.pdbx_seq_one_letter_code
_entity_poly.pdbx_strand_id
1 'polypeptide(L)'
;SNNVLPTWSLDSNGEMRSRLSLSEVLDSGDLMKFAVDKTGCQFLEKAVKGSLTSYQKFQLFEQVIGRKDDFLKLSTNIFG
NYLVQSVIGISLATNDDGYTKRQEKLKNFISSQMTDMCLDKFACRVIQSSLQNMDLSLACKLVQALPRDARLIAICVDQN
ANHVIQKVVAVIPLKNWEFIVDFVATPEHLRQICSDKYGCRVVQTIIEKLTADSMNVDLTSAAQNLRERALQRLMTSVTN
RCQELATNEYANYIIQHIVSNDDLAVYRECIIEKCLMRNLLSLSQEKFASHVVEKAFLHAPLELLAEMMDEIFDGYIPHP
DTGKDALDIMMFHQFGNYVVQCMLTICCDAVSGRRQTKEGGYDHAISFQDWLKKLHSRVTKERHRLSRFSSGKKMIETLA
NLRSTHPIYELQ
;
A
2 'polyribonucleotide' UGUACCAUA B
#
# COMPACT_ATOMS: atom_id res chain seq x y z
N LEU A 5 21.80 23.56 27.50
CA LEU A 5 21.38 23.12 28.82
C LEU A 5 21.64 24.18 29.88
N PRO A 6 20.68 24.37 30.81
CA PRO A 6 20.81 25.33 31.91
C PRO A 6 22.04 25.05 32.76
N THR A 7 22.71 26.09 33.23
CA THR A 7 23.96 25.90 33.92
C THR A 7 23.77 25.14 35.24
N TRP A 8 22.69 25.43 35.96
CA TRP A 8 22.40 24.76 37.23
C TRP A 8 22.38 23.24 37.09
N SER A 9 22.23 22.77 35.85
CA SER A 9 22.08 21.35 35.59
C SER A 9 23.34 20.76 34.98
N LEU A 10 24.28 21.60 34.57
CA LEU A 10 25.50 21.10 33.94
C LEU A 10 26.29 20.25 34.93
N ARG A 17 24.84 16.78 35.16
CA ARG A 17 25.17 15.94 36.30
C ARG A 17 24.51 14.58 36.13
N SER A 18 24.79 13.69 37.08
CA SER A 18 24.04 12.45 37.22
C SER A 18 23.18 12.65 38.45
N ARG A 19 22.35 11.65 38.77
CA ARG A 19 21.49 11.76 39.94
C ARG A 19 20.68 13.07 39.90
N LEU A 20 20.01 13.28 38.77
CA LEU A 20 19.16 14.45 38.61
C LEU A 20 17.70 14.01 38.68
N SER A 21 16.86 14.83 39.32
CA SER A 21 15.46 14.45 39.50
C SER A 21 14.53 15.10 38.47
N LEU A 22 13.41 14.44 38.23
CA LEU A 22 12.44 14.95 37.28
C LEU A 22 11.76 16.20 37.82
N SER A 23 11.50 16.22 39.12
CA SER A 23 10.86 17.37 39.74
C SER A 23 11.73 18.64 39.67
N GLU A 24 13.05 18.48 39.78
CA GLU A 24 13.95 19.60 39.53
C GLU A 24 13.73 20.20 38.16
N VAL A 25 13.86 19.36 37.14
CA VAL A 25 13.68 19.82 35.77
C VAL A 25 12.29 20.46 35.61
N LEU A 26 11.26 19.84 36.18
CA LEU A 26 9.90 20.36 35.99
C LEU A 26 9.69 21.71 36.69
N ASP A 27 10.27 21.83 37.89
CA ASP A 27 10.12 23.03 38.71
C ASP A 27 10.93 24.23 38.15
N SER A 28 11.99 23.94 37.40
CA SER A 28 12.99 24.95 37.03
C SER A 28 12.55 25.87 35.89
N GLY A 29 11.55 25.44 35.14
CA GLY A 29 11.03 26.21 34.02
C GLY A 29 11.83 25.95 32.75
N ASP A 30 12.82 25.06 32.86
CA ASP A 30 13.80 24.88 31.78
C ASP A 30 13.56 23.63 30.96
N LEU A 31 12.38 23.05 31.09
CA LEU A 31 12.04 21.79 30.43
C LEU A 31 12.39 21.82 28.94
N MET A 32 11.87 22.82 28.24
CA MET A 32 12.05 22.97 26.80
C MET A 32 13.50 22.87 26.36
N LYS A 33 14.43 23.25 27.24
CA LYS A 33 15.84 23.13 26.92
C LYS A 33 16.34 21.68 26.98
N PHE A 34 15.81 20.91 27.92
CA PHE A 34 16.13 19.49 28.03
C PHE A 34 15.54 18.68 26.89
N ALA A 35 14.29 18.99 26.56
CA ALA A 35 13.55 18.19 25.60
C ALA A 35 14.12 18.26 24.17
N VAL A 36 14.86 19.31 23.84
CA VAL A 36 15.42 19.40 22.49
C VAL A 36 16.91 19.05 22.42
N ASP A 37 17.46 18.70 23.58
CA ASP A 37 18.85 18.25 23.68
C ASP A 37 18.84 16.72 23.71
N LYS A 38 19.80 16.10 23.05
CA LYS A 38 19.85 14.64 23.01
C LYS A 38 19.93 14.03 24.41
N THR A 39 20.95 14.44 25.18
CA THR A 39 21.17 13.88 26.51
C THR A 39 20.03 14.19 27.44
N GLY A 40 19.55 15.44 27.39
CA GLY A 40 18.41 15.87 28.17
C GLY A 40 17.17 15.05 27.86
N CYS A 41 16.84 14.90 26.58
CA CYS A 41 15.63 14.18 26.23
C CYS A 41 15.74 12.71 26.61
N GLN A 42 16.95 12.18 26.56
CA GLN A 42 17.18 10.81 26.92
C GLN A 42 16.85 10.64 28.39
N PHE A 43 17.13 11.68 29.16
CA PHE A 43 16.85 11.66 30.59
C PHE A 43 15.34 11.71 30.88
N LEU A 44 14.65 12.64 30.22
CA LEU A 44 13.21 12.79 30.39
C LEU A 44 12.49 11.49 30.03
N GLU A 45 12.92 10.89 28.93
CA GLU A 45 12.28 9.69 28.42
C GLU A 45 12.36 8.53 29.41
N LYS A 46 13.47 8.44 30.13
CA LYS A 46 13.61 7.45 31.19
C LYS A 46 12.74 7.82 32.40
N ALA A 47 12.79 9.10 32.77
CA ALA A 47 12.14 9.59 33.98
C ALA A 47 10.63 9.47 33.85
N VAL A 48 10.15 9.70 32.64
CA VAL A 48 8.73 9.74 32.32
C VAL A 48 8.06 8.35 32.36
N LYS A 49 8.86 7.29 32.21
CA LYS A 49 8.37 5.90 32.28
C LYS A 49 8.21 5.40 33.72
N GLY A 50 8.75 6.14 34.68
CA GLY A 50 8.69 5.69 36.06
C GLY A 50 7.37 6.01 36.72
N SER A 51 7.32 5.87 38.03
CA SER A 51 6.14 6.25 38.78
C SER A 51 6.09 7.75 38.80
N LEU A 52 4.93 8.30 38.53
CA LEU A 52 4.77 9.74 38.51
C LEU A 52 3.67 10.10 39.48
N THR A 53 3.91 11.14 40.28
CA THR A 53 2.86 11.63 41.16
C THR A 53 1.94 12.49 40.33
N SER A 54 0.80 12.81 40.93
CA SER A 54 -0.22 13.62 40.30
C SER A 54 0.31 14.95 39.81
N TYR A 55 1.10 15.62 40.64
CA TYR A 55 1.61 16.94 40.29
C TYR A 55 2.67 16.87 39.20
N GLN A 56 3.51 15.82 39.22
CA GLN A 56 4.45 15.61 38.13
C GLN A 56 3.73 15.49 36.78
N LYS A 57 2.64 14.73 36.73
CA LYS A 57 1.88 14.63 35.48
C LYS A 57 1.32 15.99 35.12
N PHE A 58 0.83 16.69 36.14
CA PHE A 58 0.19 17.98 35.95
C PHE A 58 1.15 18.93 35.20
N GLN A 59 2.39 18.95 35.66
CA GLN A 59 3.42 19.80 35.09
C GLN A 59 3.84 19.36 33.69
N LEU A 60 3.93 18.05 33.48
CA LEU A 60 4.23 17.51 32.17
C LEU A 60 3.14 17.92 31.21
N PHE A 61 1.89 17.70 31.62
CA PHE A 61 0.73 18.07 30.80
C PHE A 61 0.80 19.53 30.37
N GLU A 62 1.09 20.42 31.31
CA GLU A 62 1.09 21.85 31.05
C GLU A 62 2.23 22.27 30.15
N GLN A 63 3.40 21.68 30.36
CA GLN A 63 4.63 22.15 29.73
C GLN A 63 4.87 21.52 28.38
N VAL A 64 4.40 20.29 28.21
CA VAL A 64 4.69 19.53 27.00
C VAL A 64 3.50 19.56 26.03
N ILE A 65 2.28 19.43 26.55
CA ILE A 65 1.12 19.49 25.69
C ILE A 65 0.06 20.48 26.13
N GLY A 66 0.47 21.55 26.81
CA GLY A 66 -0.49 22.51 27.35
C GLY A 66 -0.59 23.82 26.58
N ARG A 67 0.52 24.25 25.98
CA ARG A 67 0.57 25.48 25.17
C ARG A 67 0.88 25.16 23.72
N LYS A 68 0.01 25.64 22.83
CA LYS A 68 0.10 25.36 21.40
C LYS A 68 1.50 25.47 20.82
N ASP A 69 2.24 26.48 21.24
CA ASP A 69 3.53 26.79 20.61
C ASP A 69 4.64 25.84 21.01
N ASP A 70 4.80 25.62 22.30
CA ASP A 70 5.79 24.65 22.78
C ASP A 70 5.48 23.24 22.31
N PHE A 71 4.19 22.94 22.23
CA PHE A 71 3.76 21.64 21.76
C PHE A 71 4.19 21.45 20.31
N LEU A 72 4.01 22.50 19.52
CA LEU A 72 4.47 22.51 18.12
C LEU A 72 5.99 22.42 18.02
N LYS A 73 6.70 23.14 18.88
CA LYS A 73 8.16 23.17 18.84
C LYS A 73 8.76 21.80 19.18
N LEU A 74 8.14 21.08 20.10
CA LEU A 74 8.66 19.78 20.48
C LEU A 74 8.25 18.71 19.47
N SER A 75 7.02 18.81 18.99
CA SER A 75 6.51 17.86 18.03
C SER A 75 7.36 17.79 16.77
N THR A 76 7.84 18.96 16.33
CA THR A 76 8.65 19.08 15.12
C THR A 76 10.14 18.94 15.41
N ASN A 77 10.46 18.51 16.61
CA ASN A 77 11.84 18.39 17.01
C ASN A 77 12.29 16.95 17.02
N ILE A 78 13.51 16.73 16.53
CA ILE A 78 14.04 15.39 16.35
C ILE A 78 14.00 14.55 17.63
N PHE A 79 14.24 15.20 18.77
CA PHE A 79 14.20 14.53 20.06
C PHE A 79 12.87 14.77 20.75
N GLY A 80 12.39 16.00 20.63
CA GLY A 80 11.16 16.42 21.29
C GLY A 80 9.94 15.58 21.00
N ASN A 81 9.84 15.06 19.78
CA ASN A 81 8.63 14.39 19.37
C ASN A 81 8.37 13.14 20.19
N TYR A 82 9.45 12.49 20.65
CA TYR A 82 9.31 11.32 21.50
C TYR A 82 8.73 11.64 22.87
N LEU A 83 9.12 12.79 23.42
CA LEU A 83 8.59 13.26 24.70
C LEU A 83 7.11 13.60 24.57
N VAL A 84 6.74 14.25 23.47
CA VAL A 84 5.34 14.51 23.20
C VAL A 84 4.49 13.24 23.13
N GLN A 85 5.01 12.21 22.48
CA GLN A 85 4.27 10.96 22.35
C GLN A 85 4.07 10.26 23.70
N SER A 86 5.11 10.30 24.55
CA SER A 86 5.05 9.71 25.87
C SER A 86 4.07 10.42 26.75
N VAL A 87 4.08 11.75 26.68
CA VAL A 87 3.21 12.55 27.56
C VAL A 87 1.76 12.43 27.11
N ILE A 88 1.53 12.34 25.81
CA ILE A 88 0.20 12.03 25.31
C ILE A 88 -0.24 10.66 25.84
N GLY A 89 0.64 9.68 25.81
CA GLY A 89 0.33 8.39 26.39
C GLY A 89 -0.09 8.47 27.85
N ILE A 90 0.64 9.26 28.63
CA ILE A 90 0.37 9.41 30.05
C ILE A 90 -0.93 10.17 30.27
N SER A 91 -1.18 11.20 29.47
CA SER A 91 -2.43 11.94 29.54
C SER A 91 -3.64 11.03 29.30
N LEU A 92 -3.54 10.16 28.31
CA LEU A 92 -4.63 9.24 28.02
C LEU A 92 -4.80 8.22 29.13
N ALA A 93 -3.71 7.89 29.84
CA ALA A 93 -3.79 6.90 30.91
C ALA A 93 -4.30 7.49 32.20
N THR A 94 -4.42 8.81 32.25
CA THR A 94 -4.71 9.50 33.51
C THR A 94 -6.11 10.07 33.56
N ASN A 95 -7.03 9.26 34.09
CA ASN A 95 -8.46 9.61 34.05
C ASN A 95 -8.94 10.55 35.15
N ASP A 96 -8.15 11.58 35.45
CA ASP A 96 -8.55 12.60 36.41
C ASP A 96 -9.58 13.54 35.80
N ASP A 97 -9.91 14.59 36.54
CA ASP A 97 -10.94 15.54 36.13
C ASP A 97 -10.54 16.39 34.91
N GLY A 98 -9.25 16.66 34.74
CA GLY A 98 -8.80 17.47 33.62
C GLY A 98 -8.54 16.70 32.33
N TYR A 99 -8.92 15.42 32.33
CA TYR A 99 -8.70 14.52 31.19
C TYR A 99 -9.29 15.13 29.92
N THR A 100 -10.56 15.48 29.99
CA THR A 100 -11.30 15.95 28.84
C THR A 100 -10.68 17.19 28.22
N LYS A 101 -10.44 18.21 29.03
CA LYS A 101 -9.84 19.45 28.54
C LYS A 101 -8.53 19.16 27.86
N ARG A 102 -7.74 18.26 28.44
CA ARG A 102 -6.45 17.93 27.84
C ARG A 102 -6.58 17.31 26.45
N GLN A 103 -7.44 16.33 26.34
CA GLN A 103 -7.53 15.60 25.08
C GLN A 103 -8.18 16.49 24.03
N GLU A 104 -9.08 17.36 24.48
CA GLU A 104 -9.81 18.24 23.57
C GLU A 104 -8.85 19.28 23.03
N LYS A 105 -8.03 19.81 23.93
CA LYS A 105 -7.05 20.81 23.61
C LYS A 105 -6.04 20.23 22.62
N LEU A 106 -5.61 19.01 22.89
CA LEU A 106 -4.64 18.35 22.03
C LEU A 106 -5.21 18.19 20.63
N LYS A 107 -6.49 17.90 20.54
CA LYS A 107 -7.17 17.75 19.26
C LYS A 107 -7.20 19.08 18.52
N ASN A 108 -7.51 20.15 19.24
CA ASN A 108 -7.48 21.50 18.68
C ASN A 108 -6.11 21.91 18.15
N PHE A 109 -5.05 21.60 18.89
CA PHE A 109 -3.70 22.02 18.52
C PHE A 109 -3.32 21.40 17.19
N ILE A 110 -3.46 20.08 17.11
CA ILE A 110 -3.08 19.34 15.93
C ILE A 110 -3.97 19.74 14.74
N SER A 111 -5.27 19.85 14.98
CA SER A 111 -6.19 20.24 13.92
C SER A 111 -5.70 21.49 13.21
N SER A 112 -5.40 22.52 13.99
CA SER A 112 -5.11 23.85 13.45
C SER A 112 -3.80 23.88 12.68
N GLN A 113 -3.05 22.79 12.73
CA GLN A 113 -1.75 22.75 12.08
C GLN A 113 -1.59 21.43 11.33
N MET A 114 -2.71 20.78 11.04
CA MET A 114 -2.70 19.44 10.47
C MET A 114 -1.66 19.25 9.37
N THR A 115 -1.78 20.05 8.31
CA THR A 115 -0.96 19.84 7.12
C THR A 115 0.51 20.01 7.41
N ASP A 116 0.83 21.05 8.15
CA ASP A 116 2.20 21.35 8.51
C ASP A 116 2.80 20.20 9.29
N MET A 117 2.03 19.66 10.23
CA MET A 117 2.48 18.54 11.05
C MET A 117 2.64 17.24 10.26
N CYS A 118 1.69 16.95 9.37
CA CYS A 118 1.78 15.75 8.54
C CYS A 118 3.04 15.78 7.70
N LEU A 119 3.30 16.91 7.06
CA LEU A 119 4.47 17.05 6.19
C LEU A 119 5.81 17.04 6.93
N ASP A 120 5.80 17.32 8.22
CA ASP A 120 7.03 17.30 9.01
C ASP A 120 7.47 15.88 9.39
N LYS A 121 8.74 15.59 9.17
CA LYS A 121 9.32 14.28 9.43
C LYS A 121 9.01 13.74 10.83
N PHE A 122 9.00 14.63 11.82
CA PHE A 122 8.83 14.20 13.20
C PHE A 122 7.41 14.36 13.71
N ALA A 123 6.76 15.48 13.41
CA ALA A 123 5.40 15.72 13.89
C ALA A 123 4.40 14.71 13.33
N CYS A 124 4.69 14.15 12.17
CA CYS A 124 3.82 13.15 11.56
C CYS A 124 3.78 11.90 12.44
N ARG A 125 4.83 11.70 13.24
CA ARG A 125 4.86 10.60 14.20
C ARG A 125 3.91 10.87 15.38
N VAL A 126 3.79 12.15 15.74
CA VAL A 126 2.87 12.59 16.80
C VAL A 126 1.42 12.42 16.35
N ILE A 127 1.15 12.77 15.11
CA ILE A 127 -0.16 12.55 14.51
C ILE A 127 -0.53 11.07 14.50
N GLN A 128 0.39 10.23 14.04
CA GLN A 128 0.13 8.79 13.96
C GLN A 128 -0.16 8.20 15.33
N SER A 129 0.67 8.56 16.29
CA SER A 129 0.49 8.06 17.64
C SER A 129 -0.85 8.58 18.22
N SER A 130 -1.18 9.83 17.96
CA SER A 130 -2.47 10.37 18.41
C SER A 130 -3.67 9.65 17.79
N LEU A 131 -3.57 9.33 16.50
CA LEU A 131 -4.67 8.70 15.79
C LEU A 131 -5.02 7.32 16.37
N GLN A 132 -4.02 6.55 16.76
CA GLN A 132 -4.30 5.19 17.19
C GLN A 132 -4.55 5.10 18.70
N ASN A 133 -4.06 6.08 19.45
CA ASN A 133 -4.20 6.03 20.91
C ASN A 133 -5.34 6.86 21.50
N MET A 134 -5.65 8.00 20.88
CA MET A 134 -6.72 8.85 21.40
C MET A 134 -8.05 8.13 21.36
N ASP A 135 -9.03 8.60 22.14
CA ASP A 135 -10.39 8.10 22.01
C ASP A 135 -10.83 8.24 20.56
N LEU A 136 -11.48 7.20 20.04
CA LEU A 136 -11.86 7.20 18.63
C LEU A 136 -12.61 8.46 18.21
N SER A 137 -13.46 8.99 19.07
CA SER A 137 -14.25 10.16 18.70
C SER A 137 -13.44 11.43 18.55
N LEU A 138 -12.35 11.53 19.31
CA LEU A 138 -11.42 12.64 19.17
C LEU A 138 -10.48 12.38 17.97
N ALA A 139 -10.00 11.15 17.83
CA ALA A 139 -9.21 10.78 16.66
C ALA A 139 -9.96 11.08 15.37
N CYS A 140 -11.28 10.87 15.35
CA CYS A 140 -12.08 11.18 14.15
C CYS A 140 -12.08 12.67 13.78
N LYS A 141 -12.00 13.55 14.78
CA LYS A 141 -11.93 14.98 14.50
C LYS A 141 -10.61 15.35 13.84
N LEU A 142 -9.53 14.63 14.18
CA LEU A 142 -8.21 14.88 13.60
C LEU A 142 -8.25 14.63 12.10
N VAL A 143 -8.90 13.55 11.71
CA VAL A 143 -9.07 13.22 10.30
C VAL A 143 -9.89 14.30 9.55
N GLN A 144 -10.94 14.83 10.19
CA GLN A 144 -11.73 15.91 9.59
C GLN A 144 -10.83 17.10 9.24
N ALA A 145 -9.79 17.31 10.03
CA ALA A 145 -8.89 18.45 9.84
C ALA A 145 -7.95 18.29 8.64
N LEU A 146 -7.97 17.12 8.02
CA LEU A 146 -7.18 16.89 6.80
C LEU A 146 -7.64 17.82 5.67
N PRO A 147 -6.68 18.36 4.89
CA PRO A 147 -6.95 19.22 3.74
C PRO A 147 -7.65 18.48 2.61
N ARG A 148 -8.43 19.20 1.82
CA ARG A 148 -9.22 18.60 0.74
C ARG A 148 -8.79 19.13 -0.63
N ASP A 149 -7.55 19.56 -0.75
CA ASP A 149 -7.11 20.19 -1.99
C ASP A 149 -5.73 19.69 -2.40
N ALA A 150 -4.99 20.53 -3.13
CA ALA A 150 -3.64 20.16 -3.57
C ALA A 150 -2.75 19.64 -2.43
N ARG A 151 -2.98 20.14 -1.22
CA ARG A 151 -2.19 19.74 -0.06
C ARG A 151 -2.40 18.28 0.31
N LEU A 152 -3.59 17.75 0.06
CA LEU A 152 -3.83 16.33 0.30
C LEU A 152 -2.98 15.46 -0.63
N ILE A 153 -2.90 15.86 -1.89
CA ILE A 153 -1.99 15.19 -2.82
C ILE A 153 -0.55 15.26 -2.29
N ALA A 154 -0.13 16.44 -1.87
CA ALA A 154 1.21 16.62 -1.34
C ALA A 154 1.45 15.69 -0.14
N ILE A 155 0.39 15.48 0.64
CA ILE A 155 0.51 14.59 1.79
C ILE A 155 0.71 13.16 1.33
N CYS A 156 -0.12 12.72 0.37
CA CYS A 156 -0.03 11.38 -0.18
C CYS A 156 1.32 11.03 -0.79
N VAL A 157 2.01 12.02 -1.36
CA VAL A 157 3.25 11.72 -2.08
C VAL A 157 4.52 12.03 -1.29
N ASP A 158 4.38 12.50 -0.05
CA ASP A 158 5.56 12.73 0.78
C ASP A 158 5.93 11.41 1.44
N GLN A 159 7.21 11.18 1.63
CA GLN A 159 7.66 9.87 2.08
C GLN A 159 7.43 9.67 3.57
N ASN A 160 7.28 10.77 4.30
CA ASN A 160 6.88 10.69 5.72
C ASN A 160 5.40 10.84 5.94
N ALA A 161 4.82 11.87 5.32
CA ALA A 161 3.41 12.22 5.53
C ALA A 161 2.46 11.14 5.04
N ASN A 162 2.84 10.37 4.01
CA ASN A 162 1.93 9.36 3.47
C ASN A 162 1.53 8.33 4.55
N HIS A 163 2.42 8.13 5.51
CA HIS A 163 2.13 7.25 6.62
C HIS A 163 1.01 7.74 7.55
N VAL A 164 0.68 9.02 7.48
CA VAL A 164 -0.49 9.51 8.23
C VAL A 164 -1.76 8.95 7.61
N ILE A 165 -1.89 9.08 6.28
CA ILE A 165 -3.05 8.55 5.59
C ILE A 165 -3.18 7.05 5.84
N GLN A 166 -2.05 6.36 5.81
CA GLN A 166 -2.07 4.92 6.05
C GLN A 166 -2.49 4.57 7.47
N LYS A 167 -2.17 5.43 8.44
CA LYS A 167 -2.57 5.17 9.81
C LYS A 167 -4.07 5.38 9.91
N VAL A 168 -4.54 6.45 9.29
CA VAL A 168 -5.96 6.75 9.28
C VAL A 168 -6.75 5.54 8.78
N VAL A 169 -6.34 5.01 7.64
CA VAL A 169 -6.97 3.86 7.02
C VAL A 169 -6.98 2.64 7.92
N ALA A 170 -5.89 2.44 8.66
CA ALA A 170 -5.75 1.32 9.59
C ALA A 170 -6.60 1.47 10.84
N VAL A 171 -6.68 2.69 11.40
CA VAL A 171 -7.32 2.80 12.70
C VAL A 171 -8.61 3.59 12.79
N ILE A 172 -9.06 4.18 11.69
CA ILE A 172 -10.29 4.97 11.75
C ILE A 172 -11.39 4.34 10.87
N PRO A 173 -12.62 4.28 11.39
CA PRO A 173 -13.74 3.74 10.59
C PRO A 173 -13.95 4.51 9.29
N LEU A 174 -14.39 3.80 8.26
CA LEU A 174 -14.36 4.30 6.90
C LEU A 174 -15.19 5.59 6.72
N LYS A 175 -16.33 5.65 7.39
CA LYS A 175 -17.21 6.80 7.28
C LYS A 175 -16.44 8.11 7.41
N ASN A 176 -15.49 8.15 8.33
CA ASN A 176 -14.70 9.35 8.55
C ASN A 176 -13.69 9.72 7.47
N TRP A 177 -13.28 8.76 6.67
CA TRP A 177 -12.29 9.06 5.66
C TRP A 177 -12.77 8.70 4.26
N GLU A 178 -14.08 8.59 4.10
CA GLU A 178 -14.63 8.38 2.77
C GLU A 178 -14.23 9.50 1.84
N PHE A 179 -14.05 10.69 2.38
CA PHE A 179 -13.71 11.81 1.53
C PHE A 179 -12.35 11.61 0.83
N ILE A 180 -11.49 10.79 1.43
CA ILE A 180 -10.16 10.55 0.89
C ILE A 180 -10.27 9.64 -0.32
N VAL A 181 -11.07 8.61 -0.16
CA VAL A 181 -11.35 7.70 -1.25
C VAL A 181 -11.85 8.47 -2.48
N ASP A 182 -12.84 9.32 -2.27
CA ASP A 182 -13.44 10.03 -3.39
C ASP A 182 -12.49 11.08 -3.97
N PHE A 183 -11.66 11.64 -3.13
CA PHE A 183 -10.65 12.57 -3.59
C PHE A 183 -9.65 11.86 -4.49
N VAL A 184 -9.13 10.74 -4.02
CA VAL A 184 -8.16 9.93 -4.74
C VAL A 184 -8.74 9.33 -6.02
N ALA A 185 -10.05 9.10 -6.03
CA ALA A 185 -10.70 8.52 -7.19
C ALA A 185 -10.98 9.59 -8.26
N THR A 186 -10.92 10.86 -7.88
CA THR A 186 -11.01 11.92 -8.89
C THR A 186 -9.86 11.72 -9.89
N PRO A 187 -10.22 11.54 -11.17
CA PRO A 187 -9.31 11.15 -12.25
C PRO A 187 -7.97 11.87 -12.22
N GLU A 188 -7.99 13.19 -12.12
CA GLU A 188 -6.76 13.96 -12.12
C GLU A 188 -5.88 13.62 -10.92
N HIS A 189 -6.51 13.46 -9.76
CA HIS A 189 -5.80 13.10 -8.53
C HIS A 189 -5.24 11.70 -8.62
N LEU A 190 -6.03 10.77 -9.10
CA LEU A 190 -5.61 9.38 -9.24
C LEU A 190 -4.35 9.35 -10.08
N ARG A 191 -4.37 10.10 -11.18
CA ARG A 191 -3.24 10.17 -12.07
C ARG A 191 -1.95 10.64 -11.37
N GLN A 192 -2.03 11.66 -10.53
CA GLN A 192 -0.84 12.18 -9.87
C GLN A 192 -0.39 11.26 -8.76
N ILE A 193 -1.34 10.79 -7.96
CA ILE A 193 -1.01 9.91 -6.83
C ILE A 193 -0.42 8.56 -7.27
N CYS A 194 -1.01 7.96 -8.29
CA CYS A 194 -0.54 6.64 -8.72
C CYS A 194 0.72 6.69 -9.56
N SER A 195 1.10 7.89 -10.00
CA SER A 195 2.33 7.98 -10.75
C SER A 195 3.47 8.28 -9.80
N ASP A 196 3.19 8.24 -8.50
CA ASP A 196 4.19 8.52 -7.47
C ASP A 196 4.59 7.31 -6.61
N LYS A 197 5.86 7.27 -6.24
CA LYS A 197 6.43 6.21 -5.43
C LYS A 197 5.61 5.94 -4.17
N TYR A 198 5.27 7.00 -3.45
CA TYR A 198 4.61 6.83 -2.16
C TYR A 198 3.11 6.88 -2.29
N GLY A 199 2.60 7.66 -3.26
CA GLY A 199 1.18 7.75 -3.47
C GLY A 199 0.59 6.39 -3.78
N CYS A 200 1.34 5.57 -4.50
CA CYS A 200 0.90 4.22 -4.84
C CYS A 200 0.74 3.31 -3.63
N ARG A 201 1.59 3.50 -2.62
CA ARG A 201 1.50 2.71 -1.41
C ARG A 201 0.23 3.07 -0.67
N VAL A 202 -0.10 4.35 -0.74
CA VAL A 202 -1.34 4.84 -0.17
C VAL A 202 -2.53 4.21 -0.88
N VAL A 203 -2.49 4.18 -2.21
CA VAL A 203 -3.64 3.66 -2.95
C VAL A 203 -3.77 2.18 -2.66
N GLN A 204 -2.63 1.53 -2.52
CA GLN A 204 -2.59 0.10 -2.24
C GLN A 204 -3.23 -0.22 -0.88
N THR A 205 -2.86 0.56 0.12
CA THR A 205 -3.37 0.34 1.46
C THR A 205 -4.88 0.55 1.57
N ILE A 206 -5.38 1.56 0.86
CA ILE A 206 -6.80 1.83 0.80
C ILE A 206 -7.55 0.69 0.17
N ILE A 207 -7.03 0.19 -0.95
CA ILE A 207 -7.65 -0.94 -1.64
C ILE A 207 -7.75 -2.14 -0.73
N GLU A 208 -6.69 -2.40 0.03
CA GLU A 208 -6.67 -3.55 0.95
C GLU A 208 -7.74 -3.40 1.99
N LYS A 209 -7.81 -2.23 2.60
CA LYS A 209 -8.80 -1.93 3.60
C LYS A 209 -10.23 -2.10 3.07
N LEU A 210 -10.45 -1.72 1.82
CA LEU A 210 -11.79 -1.78 1.20
C LEU A 210 -12.12 -3.14 0.64
N THR A 211 -11.25 -4.12 0.89
CA THR A 211 -11.48 -5.48 0.39
C THR A 211 -12.21 -6.30 1.42
N ALA A 212 -13.22 -7.04 0.95
CA ALA A 212 -14.02 -7.85 1.83
C ALA A 212 -13.31 -9.20 2.03
N ASP A 213 -12.20 -9.16 2.75
CA ASP A 213 -11.43 -10.36 3.05
C ASP A 213 -11.57 -10.78 4.52
N SER A 214 -10.76 -11.75 4.90
CA SER A 214 -10.76 -12.31 6.24
C SER A 214 -10.65 -11.25 7.33
N MET A 215 -9.93 -10.17 7.04
CA MET A 215 -9.72 -9.13 8.03
C MET A 215 -10.88 -8.16 8.19
N ASN A 216 -11.93 -8.29 7.37
CA ASN A 216 -13.10 -7.41 7.52
C ASN A 216 -14.37 -8.12 7.98
N VAL A 217 -14.24 -9.38 8.40
CA VAL A 217 -15.43 -10.16 8.80
C VAL A 217 -16.11 -9.58 10.04
N ASP A 218 -15.41 -8.70 10.75
CA ASP A 218 -15.95 -8.09 11.96
C ASP A 218 -16.91 -6.94 11.66
N LEU A 219 -17.08 -6.60 10.39
CA LEU A 219 -17.91 -5.45 10.06
C LEU A 219 -19.38 -5.82 10.14
N THR A 220 -20.19 -4.89 10.63
CA THR A 220 -21.62 -4.94 10.42
C THR A 220 -21.92 -4.89 8.93
N SER A 221 -23.13 -5.31 8.57
CA SER A 221 -23.63 -5.26 7.21
C SER A 221 -23.67 -3.83 6.67
N ALA A 222 -24.17 -2.91 7.49
CA ALA A 222 -24.17 -1.50 7.12
C ALA A 222 -22.76 -1.08 6.74
N ALA A 223 -21.78 -1.48 7.56
CA ALA A 223 -20.40 -1.09 7.31
C ALA A 223 -19.86 -1.76 6.05
N GLN A 224 -20.29 -2.98 5.78
CA GLN A 224 -19.82 -3.69 4.57
C GLN A 224 -20.36 -2.98 3.34
N ASN A 225 -21.61 -2.57 3.42
CA ASN A 225 -22.23 -1.84 2.33
C ASN A 225 -21.46 -0.56 2.02
N LEU A 226 -21.13 0.19 3.07
CA LEU A 226 -20.32 1.38 2.94
C LEU A 226 -19.00 1.05 2.27
N ARG A 227 -18.36 -0.03 2.73
CA ARG A 227 -17.09 -0.49 2.15
C ARG A 227 -17.22 -0.77 0.67
N GLU A 228 -18.28 -1.51 0.30
CA GLU A 228 -18.52 -1.88 -1.09
C GLU A 228 -18.68 -0.67 -2.00
N ARG A 229 -19.46 0.31 -1.56
CA ARG A 229 -19.64 1.49 -2.37
C ARG A 229 -18.31 2.20 -2.64
N ALA A 230 -17.53 2.38 -1.58
CA ALA A 230 -16.24 3.03 -1.73
C ALA A 230 -15.34 2.20 -2.65
N LEU A 231 -15.40 0.88 -2.49
CA LEU A 231 -14.61 0.02 -3.35
C LEU A 231 -14.96 0.25 -4.82
N GLN A 232 -16.26 0.28 -5.14
CA GLN A 232 -16.68 0.46 -6.53
C GLN A 232 -16.25 1.81 -7.10
N ARG A 233 -16.39 2.85 -6.29
CA ARG A 233 -15.99 4.19 -6.72
C ARG A 233 -14.53 4.18 -7.12
N LEU A 234 -13.69 3.68 -6.23
CA LEU A 234 -12.26 3.62 -6.48
C LEU A 234 -11.91 2.74 -7.69
N MET A 235 -12.55 1.59 -7.80
CA MET A 235 -12.26 0.65 -8.88
C MET A 235 -12.73 1.18 -10.21
N THR A 236 -13.79 1.98 -10.20
CA THR A 236 -14.26 2.51 -11.46
C THR A 236 -13.17 3.42 -12.03
N SER A 237 -12.61 4.30 -11.20
CA SER A 237 -11.53 5.17 -11.63
C SER A 237 -10.27 4.40 -12.04
N VAL A 238 -10.02 3.29 -11.35
CA VAL A 238 -8.79 2.55 -11.58
C VAL A 238 -8.89 1.76 -12.89
N THR A 239 -10.04 1.16 -13.13
CA THR A 239 -10.24 0.45 -14.37
C THR A 239 -10.38 1.40 -15.57
N ASN A 240 -10.91 2.61 -15.35
CA ASN A 240 -10.89 3.62 -16.41
C ASN A 240 -9.48 4.08 -16.86
N ARG A 241 -8.48 3.99 -15.99
CA ARG A 241 -7.10 4.35 -16.36
C ARG A 241 -6.19 3.16 -16.35
N CYS A 242 -6.77 1.98 -16.46
CA CYS A 242 -6.03 0.74 -16.35
C CYS A 242 -4.80 0.69 -17.28
N GLN A 243 -4.96 1.16 -18.50
CA GLN A 243 -3.87 1.16 -19.48
C GLN A 243 -2.69 1.97 -18.94
N GLU A 244 -2.94 3.21 -18.56
CA GLU A 244 -1.90 4.06 -17.97
C GLU A 244 -1.29 3.49 -16.66
N LEU A 245 -2.13 2.98 -15.77
CA LEU A 245 -1.62 2.46 -14.50
C LEU A 245 -0.79 1.20 -14.65
N ALA A 246 -1.23 0.30 -15.53
CA ALA A 246 -0.54 -0.96 -15.76
C ALA A 246 0.85 -0.79 -16.38
N THR A 247 1.05 0.28 -17.15
CA THR A 247 2.32 0.50 -17.82
C THR A 247 3.26 1.41 -17.03
N ASN A 248 2.74 1.96 -15.94
CA ASN A 248 3.51 2.89 -15.14
C ASN A 248 4.50 2.19 -14.22
N GLU A 249 5.61 2.85 -13.93
CA GLU A 249 6.67 2.26 -13.13
C GLU A 249 6.27 1.91 -11.69
N TYR A 250 5.32 2.64 -11.13
CA TYR A 250 4.87 2.37 -9.77
C TYR A 250 3.48 1.73 -9.73
N ALA A 251 2.57 2.20 -10.57
CA ALA A 251 1.19 1.75 -10.48
C ALA A 251 0.95 0.31 -10.97
N ASN A 252 1.88 -0.25 -11.73
CA ASN A 252 1.74 -1.65 -12.14
C ASN A 252 1.57 -2.59 -10.95
N TYR A 253 2.20 -2.26 -9.83
CA TYR A 253 2.09 -3.07 -8.61
C TYR A 253 0.66 -3.16 -8.11
N ILE A 254 -0.08 -2.09 -8.34
CA ILE A 254 -1.45 -1.99 -7.89
C ILE A 254 -2.32 -2.86 -8.77
N ILE A 255 -2.10 -2.76 -10.08
CA ILE A 255 -2.87 -3.57 -11.02
C ILE A 255 -2.57 -5.04 -10.78
N GLN A 256 -1.32 -5.34 -10.47
CA GLN A 256 -0.94 -6.73 -10.16
C GLN A 256 -1.63 -7.19 -8.91
N HIS A 257 -1.71 -6.32 -7.91
CA HIS A 257 -2.37 -6.74 -6.68
C HIS A 257 -3.84 -7.08 -6.94
N ILE A 258 -4.54 -6.20 -7.64
CA ILE A 258 -5.93 -6.45 -7.97
C ILE A 258 -6.11 -7.76 -8.75
N VAL A 259 -5.29 -7.95 -9.78
CA VAL A 259 -5.37 -9.15 -10.62
C VAL A 259 -5.09 -10.45 -9.84
N SER A 260 -4.23 -10.37 -8.85
CA SER A 260 -3.84 -11.56 -8.12
C SER A 260 -4.72 -11.87 -6.89
N ASN A 261 -5.61 -10.95 -6.54
CA ASN A 261 -6.41 -11.10 -5.34
C ASN A 261 -7.77 -11.74 -5.61
N ASP A 262 -8.00 -12.94 -5.08
CA ASP A 262 -9.23 -13.65 -5.30
C ASP A 262 -10.40 -12.85 -4.79
N ASP A 263 -10.20 -12.14 -3.68
CA ASP A 263 -11.26 -11.33 -3.09
C ASP A 263 -11.64 -10.12 -3.95
N LEU A 264 -10.88 -9.88 -5.03
CA LEU A 264 -11.17 -8.82 -5.99
C LEU A 264 -11.50 -9.42 -7.36
N ALA A 265 -11.89 -10.70 -7.38
CA ALA A 265 -12.03 -11.44 -8.64
C ALA A 265 -12.77 -10.65 -9.74
N VAL A 266 -13.93 -10.08 -9.39
CA VAL A 266 -14.74 -9.36 -10.36
C VAL A 266 -13.98 -8.19 -11.01
N TYR A 267 -13.14 -7.53 -10.22
CA TYR A 267 -12.31 -6.45 -10.74
C TYR A 267 -11.16 -6.96 -11.60
N ARG A 268 -10.65 -8.13 -11.24
CA ARG A 268 -9.60 -8.76 -12.03
C ARG A 268 -10.07 -9.12 -13.44
N GLU A 269 -11.27 -9.71 -13.52
CA GLU A 269 -11.91 -10.00 -14.79
C GLU A 269 -12.15 -8.74 -15.63
N CYS A 270 -12.62 -7.68 -14.99
CA CYS A 270 -12.81 -6.41 -15.68
C CYS A 270 -11.51 -5.88 -16.33
N ILE A 271 -10.43 -5.83 -15.56
CA ILE A 271 -9.13 -5.40 -16.07
C ILE A 271 -8.65 -6.27 -17.23
N ILE A 272 -8.80 -7.57 -17.07
CA ILE A 272 -8.39 -8.49 -18.09
C ILE A 272 -9.13 -8.22 -19.40
N GLU A 273 -10.46 -8.21 -19.32
CA GLU A 273 -11.35 -8.00 -20.48
C GLU A 273 -11.16 -6.68 -21.21
N LYS A 274 -11.08 -5.59 -20.45
CA LYS A 274 -11.19 -4.27 -21.06
C LYS A 274 -9.85 -3.56 -21.14
N CYS A 275 -8.84 -4.13 -20.51
CA CYS A 275 -7.53 -3.53 -20.58
C CYS A 275 -6.50 -4.45 -21.23
N LEU A 276 -6.45 -5.70 -20.78
CA LEU A 276 -5.38 -6.59 -21.22
C LEU A 276 -5.70 -7.30 -22.54
N MET A 277 -6.95 -7.70 -22.71
CA MET A 277 -7.34 -8.53 -23.85
C MET A 277 -7.12 -7.75 -25.15
N ARG A 278 -6.58 -8.43 -26.14
CA ARG A 278 -6.22 -7.81 -27.43
C ARG A 278 -4.97 -6.95 -27.35
N ASN A 279 -4.40 -6.77 -26.16
CA ASN A 279 -3.17 -6.00 -26.05
C ASN A 279 -2.00 -6.81 -25.54
N LEU A 280 -2.15 -8.13 -25.55
CA LEU A 280 -1.22 -8.99 -24.84
C LEU A 280 0.17 -8.97 -25.45
N LEU A 281 0.27 -9.04 -26.78
CA LEU A 281 1.57 -9.05 -27.43
C LEU A 281 2.31 -7.76 -27.10
N SER A 282 1.57 -6.67 -27.17
CA SER A 282 2.10 -5.35 -26.97
C SER A 282 2.53 -5.13 -25.52
N LEU A 283 1.66 -5.48 -24.58
CA LEU A 283 1.95 -5.34 -23.15
C LEU A 283 3.06 -6.28 -22.67
N SER A 284 3.14 -7.47 -23.26
CA SER A 284 4.17 -8.42 -22.92
C SER A 284 5.57 -7.88 -23.25
N GLN A 285 5.63 -6.83 -24.08
CA GLN A 285 6.90 -6.24 -24.43
C GLN A 285 7.23 -4.98 -23.62
N GLU A 286 6.36 -4.63 -22.69
CA GLU A 286 6.59 -3.48 -21.80
C GLU A 286 7.34 -3.89 -20.57
N LYS A 287 8.27 -3.07 -20.14
CA LYS A 287 9.05 -3.36 -18.95
C LYS A 287 8.13 -3.59 -17.76
N PHE A 288 7.16 -2.69 -17.59
CA PHE A 288 6.33 -2.76 -16.40
C PHE A 288 5.08 -3.63 -16.58
N ALA A 289 4.40 -3.50 -17.71
CA ALA A 289 3.13 -4.21 -17.88
C ALA A 289 3.35 -5.71 -18.06
N SER A 290 4.56 -6.12 -18.42
CA SER A 290 4.77 -7.56 -18.62
C SER A 290 4.52 -8.32 -17.33
N HIS A 291 4.85 -7.70 -16.19
CA HIS A 291 4.52 -8.25 -14.89
C HIS A 291 3.01 -8.40 -14.70
N VAL A 292 2.25 -7.42 -15.21
CA VAL A 292 0.81 -7.44 -15.07
C VAL A 292 0.25 -8.60 -15.87
N VAL A 293 0.82 -8.81 -17.06
CA VAL A 293 0.38 -9.86 -17.98
C VAL A 293 0.66 -11.27 -17.45
N GLU A 294 1.80 -11.44 -16.79
CA GLU A 294 2.10 -12.70 -16.10
C GLU A 294 1.04 -12.99 -15.04
N LYS A 295 0.76 -11.99 -14.20
CA LYS A 295 -0.24 -12.10 -13.15
C LYS A 295 -1.58 -12.50 -13.70
N ALA A 296 -1.95 -11.88 -14.82
CA ALA A 296 -3.25 -12.19 -15.43
C ALA A 296 -3.31 -13.65 -15.89
N PHE A 297 -2.22 -14.15 -16.48
CA PHE A 297 -2.20 -15.54 -16.88
C PHE A 297 -2.33 -16.48 -15.68
N LEU A 298 -1.67 -16.11 -14.57
CA LEU A 298 -1.62 -16.93 -13.36
C LEU A 298 -2.94 -16.99 -12.64
N HIS A 299 -3.74 -15.93 -12.77
CA HIS A 299 -4.97 -15.81 -11.99
C HIS A 299 -6.26 -15.72 -12.79
N ALA A 300 -6.19 -15.64 -14.12
CA ALA A 300 -7.41 -15.62 -14.93
C ALA A 300 -8.26 -16.88 -14.65
N PRO A 301 -9.59 -16.70 -14.53
CA PRO A 301 -10.56 -17.81 -14.58
C PRO A 301 -10.41 -18.50 -15.92
N LEU A 302 -10.61 -19.81 -15.96
CA LEU A 302 -10.28 -20.60 -17.14
C LEU A 302 -10.87 -20.10 -18.47
N GLU A 303 -12.06 -19.54 -18.44
CA GLU A 303 -12.66 -19.09 -19.69
C GLU A 303 -11.83 -17.95 -20.28
N LEU A 304 -11.37 -17.04 -19.42
CA LEU A 304 -10.53 -15.94 -19.87
C LEU A 304 -9.11 -16.41 -20.20
N LEU A 305 -8.61 -17.33 -19.40
CA LEU A 305 -7.32 -17.91 -19.67
C LEU A 305 -7.29 -18.46 -21.10
N ALA A 306 -8.41 -19.00 -21.56
CA ALA A 306 -8.46 -19.63 -22.87
C ALA A 306 -8.42 -18.58 -23.97
N GLU A 307 -9.14 -17.48 -23.77
CA GLU A 307 -9.03 -16.34 -24.68
C GLU A 307 -7.61 -15.78 -24.71
N MET A 308 -6.97 -15.66 -23.54
CA MET A 308 -5.56 -15.20 -23.48
C MET A 308 -4.62 -16.09 -24.25
N MET A 309 -4.73 -17.40 -24.01
CA MET A 309 -3.87 -18.37 -24.69
C MET A 309 -4.14 -18.29 -26.18
N ASP A 310 -5.41 -18.17 -26.53
CA ASP A 310 -5.80 -18.18 -27.93
C ASP A 310 -5.26 -16.95 -28.64
N GLU A 311 -5.19 -15.82 -27.91
CA GLU A 311 -4.70 -14.58 -28.48
C GLU A 311 -3.20 -14.68 -28.80
N ILE A 312 -2.45 -15.33 -27.93
CA ILE A 312 -1.04 -15.56 -28.16
C ILE A 312 -0.83 -16.55 -29.33
N PHE A 313 -1.52 -17.68 -29.27
CA PHE A 313 -1.30 -18.71 -30.29
C PHE A 313 -1.86 -18.36 -31.67
N ASP A 314 -2.84 -17.47 -31.70
CA ASP A 314 -3.57 -17.26 -32.95
C ASP A 314 -4.34 -15.94 -33.05
N GLY A 315 -3.94 -14.94 -32.29
CA GLY A 315 -4.64 -13.67 -32.30
C GLY A 315 -4.03 -12.62 -33.21
N TYR A 316 -2.86 -12.91 -33.79
CA TYR A 316 -2.07 -11.92 -34.53
C TYR A 316 -1.60 -12.49 -35.87
N ILE A 317 -1.56 -11.65 -36.89
CA ILE A 317 -1.07 -12.09 -38.18
C ILE A 317 0.47 -12.04 -38.20
N PRO A 318 1.10 -13.16 -38.58
CA PRO A 318 2.58 -13.28 -38.65
C PRO A 318 3.19 -12.23 -39.58
N HIS A 319 4.46 -11.90 -39.39
CA HIS A 319 5.12 -10.95 -40.26
C HIS A 319 5.05 -11.37 -41.71
N PRO A 320 4.58 -10.46 -42.57
CA PRO A 320 4.32 -10.74 -44.00
C PRO A 320 5.55 -11.29 -44.75
N ASP A 321 6.75 -10.89 -44.34
CA ASP A 321 7.95 -11.31 -45.05
C ASP A 321 8.62 -12.53 -44.44
N THR A 322 8.90 -12.48 -43.13
CA THR A 322 9.64 -13.56 -42.47
C THR A 322 8.78 -14.70 -41.93
N GLY A 323 7.53 -14.39 -41.58
CA GLY A 323 6.64 -15.39 -41.04
C GLY A 323 6.71 -15.53 -39.52
N LYS A 324 7.43 -14.61 -38.87
CA LYS A 324 7.47 -14.58 -37.40
C LYS A 324 6.11 -14.25 -36.83
N ASP A 325 5.69 -15.01 -35.81
CA ASP A 325 4.43 -14.75 -35.14
C ASP A 325 4.60 -14.16 -33.72
N ALA A 326 3.49 -13.97 -33.02
CA ALA A 326 3.52 -13.41 -31.69
C ALA A 326 4.41 -14.24 -30.77
N LEU A 327 4.31 -15.55 -30.87
CA LEU A 327 5.09 -16.44 -30.01
C LEU A 327 6.60 -16.35 -30.30
N ASP A 328 6.98 -16.25 -31.57
CA ASP A 328 8.37 -16.04 -31.93
C ASP A 328 8.85 -14.75 -31.30
N ILE A 329 8.08 -13.68 -31.49
CA ILE A 329 8.51 -12.39 -31.00
C ILE A 329 8.72 -12.45 -29.49
N MET A 330 7.77 -13.05 -28.78
CA MET A 330 7.75 -13.05 -27.32
C MET A 330 8.83 -13.91 -26.67
N MET A 331 9.09 -15.08 -27.25
CA MET A 331 10.10 -16.00 -26.72
C MET A 331 11.48 -15.38 -26.67
N PHE A 332 11.78 -14.52 -27.63
CA PHE A 332 13.11 -13.96 -27.70
C PHE A 332 13.12 -12.48 -27.29
N HIS A 333 12.01 -12.00 -26.77
CA HIS A 333 11.98 -10.60 -26.34
C HIS A 333 12.53 -10.45 -24.92
N GLN A 334 13.21 -9.34 -24.66
CA GLN A 334 13.86 -9.11 -23.37
C GLN A 334 12.89 -9.17 -22.18
N PHE A 335 11.65 -8.74 -22.41
CA PHE A 335 10.61 -8.87 -21.38
C PHE A 335 9.59 -9.98 -21.68
N GLY A 336 9.22 -10.13 -22.95
CA GLY A 336 8.16 -11.07 -23.33
C GLY A 336 8.53 -12.51 -23.04
N ASN A 337 9.82 -12.82 -22.99
CA ASN A 337 10.24 -14.19 -22.75
C ASN A 337 9.73 -14.69 -21.38
N TYR A 338 9.61 -13.78 -20.42
CA TYR A 338 9.11 -14.15 -19.09
C TYR A 338 7.63 -14.53 -19.11
N VAL A 339 6.88 -13.96 -20.07
CA VAL A 339 5.47 -14.25 -20.19
C VAL A 339 5.27 -15.65 -20.76
N VAL A 340 6.03 -15.97 -21.79
CA VAL A 340 6.00 -17.32 -22.33
C VAL A 340 6.45 -18.36 -21.30
N GLN A 341 7.50 -18.07 -20.56
CA GLN A 341 7.90 -18.96 -19.47
C GLN A 341 6.74 -19.15 -18.49
N CYS A 342 6.04 -18.09 -18.20
CA CYS A 342 4.89 -18.18 -17.33
C CYS A 342 3.75 -19.07 -17.91
N MET A 343 3.39 -18.86 -19.18
CA MET A 343 2.44 -19.73 -19.89
C MET A 343 2.83 -21.20 -19.83
N LEU A 344 4.10 -21.48 -20.06
CA LEU A 344 4.58 -22.85 -20.10
C LEU A 344 4.43 -23.47 -18.72
N THR A 345 4.71 -22.68 -17.70
CA THR A 345 4.74 -23.20 -16.33
C THR A 345 3.34 -23.46 -15.82
N ILE A 346 2.39 -22.67 -16.31
CA ILE A 346 1.00 -22.87 -15.97
C ILE A 346 0.55 -24.21 -16.54
N CYS A 347 0.89 -24.46 -17.79
CA CYS A 347 0.45 -25.69 -18.44
C CYS A 347 1.08 -26.91 -17.81
N CYS A 348 2.36 -26.81 -17.48
CA CYS A 348 3.05 -27.94 -16.87
C CYS A 348 2.51 -28.24 -15.47
N ASP A 349 2.24 -27.20 -14.68
CA ASP A 349 1.56 -27.40 -13.40
C ASP A 349 0.21 -28.08 -13.57
N ALA A 350 -0.54 -27.70 -14.60
CA ALA A 350 -1.90 -28.20 -14.80
C ALA A 350 -1.88 -29.70 -15.13
N VAL A 351 -1.05 -30.06 -16.09
CA VAL A 351 -0.96 -31.42 -16.57
C VAL A 351 -0.33 -32.37 -15.53
N SER A 352 0.35 -31.81 -14.54
CA SER A 352 1.08 -32.64 -13.60
C SER A 352 0.45 -32.68 -12.22
N GLY A 353 -0.74 -32.10 -12.09
CA GLY A 353 -1.43 -32.10 -10.82
C GLY A 353 -1.17 -30.91 -9.88
N ARG A 354 -0.13 -30.12 -10.17
CA ARG A 354 0.20 -28.99 -9.30
C ARG A 354 -0.83 -27.86 -9.33
N ARG A 355 -1.69 -27.83 -10.35
CA ARG A 355 -2.76 -26.83 -10.45
C ARG A 355 -4.12 -27.45 -10.80
N GLN A 356 -5.15 -26.95 -10.14
CA GLN A 356 -6.52 -27.43 -10.31
C GLN A 356 -7.04 -27.12 -11.72
N THR A 357 -7.35 -28.17 -12.47
CA THR A 357 -7.91 -28.00 -13.82
C THR A 357 -9.43 -27.95 -13.80
N LYS A 358 -10.03 -28.36 -12.69
CA LYS A 358 -11.48 -28.32 -12.56
C LYS A 358 -11.93 -26.96 -12.05
N GLU A 359 -12.34 -26.09 -12.95
CA GLU A 359 -12.92 -24.82 -12.53
C GLU A 359 -14.44 -24.93 -12.47
N GLY A 360 -14.94 -25.11 -11.24
CA GLY A 360 -16.37 -25.23 -10.99
C GLY A 360 -16.92 -26.60 -11.30
N GLY A 361 -16.13 -27.63 -11.02
CA GLY A 361 -16.57 -29.00 -11.25
C GLY A 361 -16.40 -29.44 -12.69
N TYR A 362 -15.90 -28.54 -13.52
CA TYR A 362 -15.65 -28.81 -14.93
C TYR A 362 -14.16 -28.91 -15.20
N ASP A 363 -13.74 -30.03 -15.79
CA ASP A 363 -12.32 -30.30 -15.98
C ASP A 363 -11.83 -29.81 -17.34
N HIS A 364 -11.05 -28.73 -17.31
CA HIS A 364 -10.48 -28.14 -18.51
C HIS A 364 -9.15 -28.76 -18.85
N ALA A 365 -8.86 -29.93 -18.28
CA ALA A 365 -7.57 -30.58 -18.48
C ALA A 365 -7.11 -30.65 -19.95
N ILE A 366 -8.02 -30.96 -20.85
CA ILE A 366 -7.59 -31.14 -22.22
C ILE A 366 -7.30 -29.82 -22.93
N SER A 367 -7.81 -28.71 -22.39
CA SER A 367 -7.38 -27.40 -22.84
C SER A 367 -5.90 -27.15 -22.51
N PHE A 368 -5.51 -27.48 -21.28
CA PHE A 368 -4.13 -27.32 -20.86
C PHE A 368 -3.20 -28.25 -21.64
N GLN A 369 -3.70 -29.42 -22.03
CA GLN A 369 -2.90 -30.37 -22.78
C GLN A 369 -2.69 -29.84 -24.17
N ASP A 370 -3.73 -29.24 -24.72
CA ASP A 370 -3.65 -28.63 -26.03
C ASP A 370 -2.62 -27.49 -26.02
N TRP A 371 -2.67 -26.61 -25.02
CA TRP A 371 -1.72 -25.48 -24.98
C TRP A 371 -0.29 -25.97 -24.80
N LEU A 372 -0.15 -27.00 -23.98
CA LEU A 372 1.17 -27.55 -23.70
C LEU A 372 1.75 -28.15 -24.96
N LYS A 373 0.91 -28.82 -25.71
CA LYS A 373 1.33 -29.49 -26.92
C LYS A 373 1.79 -28.45 -27.96
N LYS A 374 1.13 -27.30 -27.99
CA LYS A 374 1.54 -26.24 -28.90
C LYS A 374 2.90 -25.68 -28.51
N LEU A 375 3.06 -25.41 -27.22
CA LEU A 375 4.30 -24.88 -26.70
C LEU A 375 5.46 -25.86 -26.90
N HIS A 376 5.20 -27.12 -26.59
CA HIS A 376 6.21 -28.16 -26.77
C HIS A 376 6.61 -28.32 -28.23
N SER A 377 5.64 -28.11 -29.12
CA SER A 377 5.95 -28.21 -30.55
C SER A 377 6.87 -27.06 -30.98
N ARG A 378 6.59 -25.86 -30.48
CA ARG A 378 7.38 -24.68 -30.83
C ARG A 378 8.79 -24.82 -30.28
N VAL A 379 8.88 -25.21 -29.02
CA VAL A 379 10.16 -25.31 -28.36
C VAL A 379 11.07 -26.35 -29.03
N THR A 380 10.51 -27.51 -29.34
CA THR A 380 11.17 -28.57 -30.09
C THR A 380 11.70 -28.08 -31.45
N LYS A 381 10.84 -27.50 -32.27
CA LYS A 381 11.28 -26.93 -33.56
C LYS A 381 12.36 -25.85 -33.43
N GLU A 382 12.34 -25.06 -32.36
CA GLU A 382 13.25 -23.93 -32.23
C GLU A 382 14.32 -24.17 -31.17
N ARG A 383 14.53 -25.42 -30.79
CA ARG A 383 15.43 -25.75 -29.69
C ARG A 383 16.85 -25.17 -29.87
N HIS A 384 17.34 -25.13 -31.09
CA HIS A 384 18.69 -24.62 -31.31
C HIS A 384 18.84 -23.13 -31.03
N ARG A 385 17.92 -22.32 -31.54
CA ARG A 385 17.98 -20.89 -31.23
C ARG A 385 17.70 -20.63 -29.75
N LEU A 386 16.75 -21.37 -29.17
CA LEU A 386 16.35 -21.15 -27.78
C LEU A 386 17.45 -21.56 -26.80
N SER A 387 18.32 -22.47 -27.22
CA SER A 387 19.34 -22.97 -26.30
C SER A 387 20.48 -21.93 -26.12
N ARG A 388 20.47 -20.89 -26.96
CA ARG A 388 21.37 -19.75 -26.82
C ARG A 388 21.02 -18.81 -25.65
N PHE A 389 19.79 -18.91 -25.14
CA PHE A 389 19.32 -18.01 -24.09
C PHE A 389 19.00 -18.73 -22.80
N SER A 390 19.19 -18.02 -21.68
CA SER A 390 18.79 -18.54 -20.38
C SER A 390 17.30 -18.88 -20.38
N SER A 391 16.48 -17.99 -20.94
CA SER A 391 15.04 -18.28 -21.03
C SER A 391 14.74 -19.57 -21.78
N GLY A 392 15.39 -19.74 -22.93
CA GLY A 392 15.19 -20.91 -23.74
C GLY A 392 15.61 -22.19 -23.04
N LYS A 393 16.78 -22.13 -22.39
CA LYS A 393 17.24 -23.28 -21.60
C LYS A 393 16.29 -23.62 -20.47
N LYS A 394 15.68 -22.60 -19.86
CA LYS A 394 14.72 -22.84 -18.78
C LYS A 394 13.49 -23.55 -19.32
N MET A 395 13.04 -23.14 -20.51
CA MET A 395 11.84 -23.74 -21.09
C MET A 395 12.06 -25.18 -21.48
N ILE A 396 13.17 -25.42 -22.17
CA ILE A 396 13.56 -26.76 -22.56
C ILE A 396 13.63 -27.64 -21.32
N GLU A 397 14.24 -27.10 -20.27
CA GLU A 397 14.41 -27.86 -19.03
C GLU A 397 13.05 -28.11 -18.36
N THR A 398 12.17 -27.12 -18.39
CA THR A 398 10.83 -27.30 -17.82
C THR A 398 10.10 -28.48 -18.47
N LEU A 399 10.20 -28.59 -19.79
CA LEU A 399 9.54 -29.66 -20.53
C LEU A 399 10.17 -31.01 -20.26
N ALA A 400 11.47 -31.02 -20.09
CA ALA A 400 12.20 -32.24 -19.79
C ALA A 400 11.81 -32.74 -18.41
N ASN A 401 11.72 -31.83 -17.43
CA ASN A 401 11.32 -32.19 -16.08
C ASN A 401 9.87 -32.67 -15.99
N LEU A 402 9.12 -32.45 -17.06
CA LEU A 402 7.72 -32.84 -17.10
C LEU A 402 7.60 -34.34 -17.39
N ARG A 403 8.25 -34.78 -18.47
CA ARG A 403 8.22 -36.18 -18.87
C ARG A 403 9.06 -37.06 -17.97
N SER A 404 9.73 -36.44 -17.00
CA SER A 404 10.40 -37.19 -15.95
C SER A 404 9.50 -37.20 -14.72
#